data_4ZX2
#
_entry.id   4ZX2
#
_cell.length_a   40.600
_cell.length_b   90.831
_cell.length_c   94.827
_cell.angle_alpha   90.00
_cell.angle_beta   90.00
_cell.angle_gamma   90.00
#
_symmetry.space_group_name_H-M   'P 21 21 21'
#
loop_
_entity.id
_entity.type
_entity.pdbx_description
1 polymer 'Serine/threonine-protein phosphatase 5'
2 non-polymer 'MANGANESE (II) ION'
3 non-polymer '(1S,2R,3S,4R,5S)-5-methyl-7-oxabicyclo[2.2.1]heptane-2,3-dicarboxylic acid'
4 non-polymer (4S)-2-METHYL-2,4-PENTANEDIOL
5 non-polymer (4R)-2-METHYLPENTANE-2,4-DIOL
6 water water
#
_entity_poly.entity_id   1
_entity_poly.type   'polypeptide(L)'
_entity_poly.pdbx_seq_one_letter_code
;GASMTIEDEYSGPKLEDGKVTISFMKELMQWYKDQKKLHRKCAYQILVQVKEVLSKLSTLVETTLKETEKITVCGDTHGQ
FYDLLNIFELNGLPSETNPYIFNGDFVDRGSFSVEVILTLFGFKLLYPDHFHLLRGNHETDNMNQIYGFEGEVKAKYTAQ
MYELFSEVFEWLPLAQCINGKVLIMHGGLFSEDGVTLDDIRKIERNRQPPDSGPMCDLLWSDPQPQNGRSISKRGVSCQF
GPDVTKAFLEENNLDYIIRSHEVKAEGYEVAHGGRCVTVFSAPNYCDQMGNKASYIHLQGSDLRPQFHQFTAVPHPNVKP
MAYANTLLQLGMM
;
_entity_poly.pdbx_strand_id   A
#
# COMPACT_ATOMS: atom_id res chain seq x y z
N GLY A 1 34.35 -34.97 -6.17
CA GLY A 1 33.72 -35.22 -4.85
C GLY A 1 32.47 -34.39 -4.66
N ALA A 2 31.49 -34.93 -3.92
CA ALA A 2 30.21 -34.27 -3.72
C ALA A 2 30.33 -32.86 -3.10
N SER A 3 31.35 -32.66 -2.27
CA SER A 3 31.54 -31.39 -1.57
CA SER A 3 31.54 -31.39 -1.57
C SER A 3 31.90 -30.24 -2.51
N MET A 4 32.29 -30.58 -3.73
CA MET A 4 32.80 -29.60 -4.66
C MET A 4 31.78 -28.95 -5.60
N THR A 5 30.55 -29.44 -5.62
CA THR A 5 29.53 -28.81 -6.49
C THR A 5 28.79 -27.71 -5.77
N ILE A 6 28.25 -26.77 -6.54
CA ILE A 6 27.46 -25.67 -6.03
C ILE A 6 26.15 -25.60 -6.83
N GLU A 7 25.03 -25.48 -6.13
CA GLU A 7 23.75 -25.26 -6.78
C GLU A 7 23.16 -23.94 -6.27
N ASP A 8 22.28 -24.00 -5.27
CA ASP A 8 21.60 -22.79 -4.78
C ASP A 8 22.05 -22.35 -3.39
N GLU A 9 23.21 -22.84 -2.97
CA GLU A 9 23.83 -22.43 -1.72
C GLU A 9 23.83 -20.92 -1.51
N TYR A 10 24.12 -20.18 -2.57
CA TYR A 10 24.42 -18.75 -2.43
C TYR A 10 23.35 -17.82 -2.98
N SER A 11 22.16 -18.36 -3.21
CA SER A 11 21.08 -17.57 -3.82
C SER A 11 20.02 -17.08 -2.82
N GLY A 12 20.29 -17.21 -1.52
CA GLY A 12 19.50 -16.49 -0.50
C GLY A 12 18.29 -17.21 0.08
N PRO A 13 17.37 -16.46 0.72
CA PRO A 13 16.19 -17.01 1.39
C PRO A 13 15.35 -17.85 0.45
N LYS A 14 14.85 -18.98 0.96
CA LYS A 14 13.99 -19.85 0.19
CA LYS A 14 14.00 -19.88 0.20
C LYS A 14 12.70 -20.10 0.96
N LEU A 15 11.59 -20.15 0.23
CA LEU A 15 10.31 -20.49 0.83
C LEU A 15 10.36 -21.91 1.39
N GLU A 16 9.51 -22.18 2.36
CA GLU A 16 9.44 -23.50 2.97
C GLU A 16 8.33 -24.26 2.30
N ASP A 17 8.71 -25.21 1.44
CA ASP A 17 7.76 -25.92 0.61
C ASP A 17 6.87 -24.94 -0.15
N GLY A 18 7.47 -23.89 -0.67
CA GLY A 18 6.73 -22.90 -1.46
C GLY A 18 5.89 -21.92 -0.65
N LYS A 19 5.97 -21.99 0.68
CA LYS A 19 5.16 -21.14 1.56
C LYS A 19 5.99 -20.13 2.33
N VAL A 20 5.38 -18.98 2.58
CA VAL A 20 5.97 -17.96 3.41
C VAL A 20 5.83 -18.33 4.89
N THR A 21 6.91 -18.15 5.64
CA THR A 21 6.93 -18.34 7.09
C THR A 21 7.54 -17.10 7.73
N ILE A 22 7.41 -16.99 9.05
CA ILE A 22 8.04 -15.88 9.75
C ILE A 22 9.56 -15.90 9.59
N SER A 23 10.18 -17.08 9.65
CA SER A 23 11.62 -17.15 9.48
CA SER A 23 11.61 -17.18 9.46
C SER A 23 12.03 -16.70 8.07
N PHE A 24 11.26 -17.11 7.07
CA PHE A 24 11.51 -16.63 5.70
C PHE A 24 11.45 -15.11 5.63
N MET A 25 10.42 -14.51 6.24
CA MET A 25 10.27 -13.07 6.16
C MET A 25 11.42 -12.34 6.83
N LYS A 26 11.89 -12.85 7.98
CA LYS A 26 13.02 -12.25 8.65
C LYS A 26 14.29 -12.35 7.79
N GLU A 27 14.49 -13.52 7.19
CA GLU A 27 15.61 -13.72 6.28
C GLU A 27 15.53 -12.77 5.09
N LEU A 28 14.32 -12.63 4.53
CA LEU A 28 14.10 -11.77 3.36
C LEU A 28 14.42 -10.32 3.67
N MET A 29 13.92 -9.82 4.80
CA MET A 29 14.17 -8.44 5.16
C MET A 29 15.65 -8.15 5.32
N GLN A 30 16.39 -9.10 5.91
CA GLN A 30 17.83 -8.94 6.08
C GLN A 30 18.56 -8.96 4.74
N TRP A 31 18.18 -9.91 3.89
CA TRP A 31 18.75 -10.08 2.55
C TRP A 31 18.60 -8.81 1.75
N TYR A 32 17.39 -8.25 1.79
CA TYR A 32 17.10 -6.99 1.13
C TYR A 32 17.84 -5.81 1.75
N LYS A 33 17.91 -5.78 3.09
CA LYS A 33 18.66 -4.73 3.76
C LYS A 33 20.10 -4.71 3.23
N ASP A 34 20.65 -5.90 3.00
CA ASP A 34 22.01 -6.09 2.48
C ASP A 34 22.12 -6.00 0.95
N GLN A 35 21.04 -5.54 0.30
CA GLN A 35 21.01 -5.23 -1.13
CA GLN A 35 21.03 -5.21 -1.13
C GLN A 35 21.16 -6.45 -2.03
N LYS A 36 20.58 -7.55 -1.61
CA LYS A 36 20.60 -8.76 -2.40
C LYS A 36 19.19 -9.05 -2.92
N LYS A 37 19.10 -9.99 -3.85
CA LYS A 37 17.90 -10.22 -4.64
C LYS A 37 17.22 -11.52 -4.24
N LEU A 38 15.91 -11.52 -4.13
CA LEU A 38 15.18 -12.76 -3.90
C LEU A 38 15.21 -13.61 -5.17
N HIS A 39 15.47 -14.90 -5.01
CA HIS A 39 15.48 -15.82 -6.14
C HIS A 39 14.20 -15.69 -6.92
N ARG A 40 14.31 -15.62 -8.25
CA ARG A 40 13.14 -15.43 -9.10
C ARG A 40 12.05 -16.48 -8.90
N LYS A 41 12.40 -17.72 -8.59
CA LYS A 41 11.39 -18.75 -8.37
CA LYS A 41 11.40 -18.77 -8.35
C LYS A 41 10.57 -18.45 -7.11
N CYS A 42 11.22 -17.92 -6.09
CA CYS A 42 10.51 -17.53 -4.86
C CYS A 42 9.63 -16.31 -5.12
N ALA A 43 10.15 -15.32 -5.85
CA ALA A 43 9.34 -14.16 -6.21
C ALA A 43 8.10 -14.59 -6.97
N TYR A 44 8.27 -15.48 -7.94
CA TYR A 44 7.17 -16.00 -8.73
C TYR A 44 6.13 -16.68 -7.86
N GLN A 45 6.58 -17.54 -6.95
CA GLN A 45 5.67 -18.26 -6.05
C GLN A 45 4.89 -17.31 -5.16
N ILE A 46 5.56 -16.28 -4.63
CA ILE A 46 4.87 -15.26 -3.86
C ILE A 46 3.79 -14.58 -4.70
N LEU A 47 4.13 -14.20 -5.93
CA LEU A 47 3.18 -13.49 -6.79
C LEU A 47 1.97 -14.34 -7.14
N VAL A 48 2.19 -15.59 -7.54
CA VAL A 48 1.02 -16.39 -7.93
CA VAL A 48 1.08 -16.49 -7.91
C VAL A 48 0.13 -16.69 -6.71
N GLN A 49 0.72 -16.91 -5.55
CA GLN A 49 -0.10 -17.13 -4.36
C GLN A 49 -0.84 -15.89 -3.91
N VAL A 50 -0.17 -14.74 -3.94
CA VAL A 50 -0.86 -13.55 -3.49
CA VAL A 50 -0.79 -13.45 -3.57
C VAL A 50 -1.94 -13.15 -4.50
N LYS A 51 -1.75 -13.43 -5.78
CA LYS A 51 -2.81 -13.20 -6.75
C LYS A 51 -4.05 -14.02 -6.39
N GLU A 52 -3.86 -15.28 -6.04
CA GLU A 52 -4.97 -16.14 -5.64
CA GLU A 52 -4.96 -16.15 -5.63
C GLU A 52 -5.68 -15.56 -4.41
N VAL A 53 -4.91 -15.19 -3.39
CA VAL A 53 -5.49 -14.64 -2.17
C VAL A 53 -6.29 -13.37 -2.47
N LEU A 54 -5.68 -12.45 -3.20
CA LEU A 54 -6.33 -11.16 -3.48
C LEU A 54 -7.57 -11.32 -4.36
N SER A 55 -7.53 -12.26 -5.29
CA SER A 55 -8.64 -12.45 -6.22
C SER A 55 -9.92 -12.93 -5.54
N LYS A 56 -9.80 -13.47 -4.33
CA LYS A 56 -10.98 -13.93 -3.57
C LYS A 56 -11.57 -12.84 -2.70
N LEU A 57 -10.89 -11.69 -2.60
CA LEU A 57 -11.39 -10.59 -1.79
C LEU A 57 -12.41 -9.74 -2.52
N SER A 58 -13.31 -9.15 -1.75
CA SER A 58 -14.20 -8.12 -2.26
C SER A 58 -13.38 -6.87 -2.63
N THR A 59 -13.94 -6.07 -3.54
CA THR A 59 -13.35 -4.77 -3.84
C THR A 59 -13.29 -3.87 -2.60
N LEU A 60 -14.28 -4.06 -1.72
CA LEU A 60 -14.31 -3.42 -0.41
C LEU A 60 -14.00 -4.46 0.66
N VAL A 61 -12.83 -4.38 1.29
CA VAL A 61 -12.53 -5.28 2.40
C VAL A 61 -13.24 -4.77 3.63
N GLU A 62 -14.02 -5.63 4.29
CA GLU A 62 -14.76 -5.21 5.48
C GLU A 62 -14.23 -5.96 6.69
N THR A 63 -13.65 -5.21 7.61
CA THR A 63 -12.86 -5.74 8.72
C THR A 63 -13.52 -5.35 10.02
N THR A 64 -13.59 -6.32 10.95
CA THR A 64 -14.06 -6.07 12.30
C THR A 64 -12.89 -6.12 13.27
N LEU A 65 -12.77 -5.06 14.07
CA LEU A 65 -11.79 -4.97 15.13
CA LEU A 65 -11.80 -5.01 15.15
C LEU A 65 -12.57 -5.10 16.45
N LYS A 66 -12.19 -6.08 17.27
CA LYS A 66 -12.81 -6.21 18.59
CA LYS A 66 -12.79 -6.22 18.61
C LYS A 66 -12.36 -5.05 19.48
N GLU A 67 -13.06 -4.86 20.60
CA GLU A 67 -12.84 -3.70 21.46
C GLU A 67 -11.38 -3.36 21.76
N THR A 68 -10.60 -4.36 22.14
CA THR A 68 -9.21 -4.14 22.56
C THR A 68 -8.19 -4.42 21.45
N GLU A 69 -8.68 -4.70 20.25
CA GLU A 69 -7.82 -4.98 19.10
C GLU A 69 -7.44 -3.70 18.39
N LYS A 70 -6.15 -3.57 18.08
CA LYS A 70 -5.61 -2.39 17.42
CA LYS A 70 -5.60 -2.39 17.42
C LYS A 70 -5.20 -2.69 15.97
N ILE A 71 -5.01 -1.63 15.19
CA ILE A 71 -4.50 -1.76 13.83
C ILE A 71 -3.69 -0.50 13.51
N THR A 72 -2.73 -0.66 12.60
CA THR A 72 -1.89 0.43 12.12
C THR A 72 -2.18 0.69 10.65
N VAL A 73 -2.36 1.96 10.29
CA VAL A 73 -2.60 2.33 8.91
C VAL A 73 -1.44 3.19 8.42
N CYS A 74 -0.82 2.73 7.33
CA CYS A 74 0.26 3.45 6.67
C CYS A 74 -0.20 3.96 5.32
N GLY A 75 0.33 5.12 4.94
CA GLY A 75 0.11 5.67 3.60
C GLY A 75 1.19 5.27 2.64
N ASP A 76 1.40 6.10 1.61
CA ASP A 76 2.34 5.80 0.53
C ASP A 76 3.70 5.45 1.10
N THR A 77 4.35 4.47 0.46
CA THR A 77 5.71 4.06 0.83
C THR A 77 6.72 4.21 -0.32
N HIS A 78 6.26 4.12 -1.57
CA HIS A 78 7.07 4.48 -2.74
C HIS A 78 8.47 3.91 -2.79
N GLY A 79 8.60 2.61 -2.57
CA GLY A 79 9.89 1.98 -2.77
C GLY A 79 10.96 2.42 -1.81
N GLN A 80 10.58 3.04 -0.68
CA GLN A 80 11.55 3.49 0.32
C GLN A 80 11.73 2.35 1.33
N PHE A 81 12.39 1.28 0.87
CA PHE A 81 12.47 0.05 1.63
C PHE A 81 13.08 0.23 3.02
N TYR A 82 14.09 1.09 3.13
CA TYR A 82 14.77 1.25 4.41
C TYR A 82 13.88 1.97 5.40
N ASP A 83 13.02 2.85 4.89
CA ASP A 83 12.00 3.48 5.73
C ASP A 83 10.91 2.48 6.12
N LEU A 84 10.54 1.59 5.21
CA LEU A 84 9.60 0.52 5.56
C LEU A 84 10.11 -0.33 6.73
N LEU A 85 11.38 -0.74 6.67
CA LEU A 85 11.96 -1.48 7.80
C LEU A 85 11.92 -0.65 9.06
N ASN A 86 12.15 0.64 8.93
CA ASN A 86 12.08 1.52 10.09
C ASN A 86 10.67 1.55 10.71
N ILE A 87 9.63 1.58 9.88
CA ILE A 87 8.26 1.46 10.40
C ILE A 87 8.13 0.22 11.27
N PHE A 88 8.59 -0.92 10.78
CA PHE A 88 8.51 -2.16 11.57
C PHE A 88 9.36 -2.11 12.84
N GLU A 89 10.46 -1.37 12.82
CA GLU A 89 11.27 -1.24 14.03
C GLU A 89 10.62 -0.30 15.03
N LEU A 90 9.96 0.74 14.55
CA LEU A 90 9.27 1.70 15.42
C LEU A 90 7.98 1.13 15.99
N ASN A 91 7.31 0.29 15.23
CA ASN A 91 5.92 -0.08 15.51
C ASN A 91 5.70 -1.58 15.68
N GLY A 92 6.77 -2.35 15.50
CA GLY A 92 6.70 -3.80 15.64
C GLY A 92 6.45 -4.50 14.32
N LEU A 93 6.94 -5.73 14.19
CA LEU A 93 6.66 -6.53 13.01
C LEU A 93 5.15 -6.79 12.91
N PRO A 94 4.65 -6.97 11.67
CA PRO A 94 3.26 -7.40 11.50
C PRO A 94 3.04 -8.74 12.21
N SER A 95 1.83 -8.94 12.73
CA SER A 95 1.42 -10.23 13.28
C SER A 95 -0.09 -10.22 13.45
N GLU A 96 -0.63 -11.33 13.95
CA GLU A 96 -2.05 -11.43 14.24
C GLU A 96 -2.47 -10.46 15.35
N THR A 97 -1.52 -10.04 16.18
CA THR A 97 -1.83 -9.07 17.23
C THR A 97 -1.33 -7.66 16.91
N ASN A 98 -0.59 -7.52 15.81
CA ASN A 98 -0.12 -6.22 15.34
C ASN A 98 -0.46 -6.04 13.85
N PRO A 99 -1.76 -5.89 13.51
N PRO A 99 -1.75 -5.88 13.52
CA PRO A 99 -2.09 -5.85 12.10
CA PRO A 99 -2.19 -5.82 12.13
C PRO A 99 -1.80 -4.50 11.44
C PRO A 99 -1.83 -4.49 11.44
N TYR A 100 -1.64 -4.54 10.12
CA TYR A 100 -1.30 -3.37 9.32
C TYR A 100 -2.22 -3.26 8.11
N ILE A 101 -2.43 -2.02 7.71
CA ILE A 101 -3.01 -1.68 6.40
C ILE A 101 -2.02 -0.74 5.72
N PHE A 102 -1.59 -1.09 4.51
CA PHE A 102 -0.80 -0.18 3.68
C PHE A 102 -1.68 0.31 2.55
N ASN A 103 -1.90 1.62 2.55
CA ASN A 103 -2.91 2.26 1.71
C ASN A 103 -2.37 2.73 0.36
N GLY A 104 -1.82 1.79 -0.40
CA GLY A 104 -1.43 2.05 -1.78
C GLY A 104 -0.10 2.76 -1.97
N ASP A 105 0.29 2.87 -3.23
CA ASP A 105 1.53 3.54 -3.65
C ASP A 105 2.75 2.97 -2.93
N PHE A 106 2.89 1.66 -3.09
CA PHE A 106 4.02 0.89 -2.59
C PHE A 106 5.24 1.05 -3.47
N VAL A 107 4.98 1.31 -4.75
CA VAL A 107 6.02 1.29 -5.77
C VAL A 107 6.09 2.62 -6.52
N ASP A 108 7.09 2.70 -7.39
CA ASP A 108 7.46 3.90 -8.15
C ASP A 108 8.11 4.96 -7.26
N ARG A 109 8.86 5.86 -7.91
CA ARG A 109 9.53 7.00 -7.28
C ARG A 109 10.78 6.54 -6.54
N GLY A 110 10.64 5.73 -5.49
CA GLY A 110 11.79 5.15 -4.81
C GLY A 110 12.34 3.97 -5.57
N SER A 111 13.63 3.73 -5.37
CA SER A 111 14.37 2.77 -6.18
C SER A 111 14.62 1.44 -5.49
N PHE A 112 13.87 1.18 -4.42
CA PHE A 112 13.81 -0.14 -3.81
C PHE A 112 12.34 -0.60 -3.81
N SER A 113 11.65 -0.33 -4.92
CA SER A 113 10.26 -0.73 -5.06
C SER A 113 10.06 -2.24 -5.05
N VAL A 114 10.95 -2.99 -5.71
CA VAL A 114 10.84 -4.45 -5.69
C VAL A 114 10.92 -5.00 -4.26
N GLU A 115 11.83 -4.44 -3.47
CA GLU A 115 12.03 -4.87 -2.09
C GLU A 115 10.81 -4.55 -1.22
N VAL A 116 10.25 -3.35 -1.39
CA VAL A 116 9.02 -3.01 -0.69
C VAL A 116 7.90 -3.97 -1.07
N ILE A 117 7.63 -4.15 -2.36
CA ILE A 117 6.42 -4.86 -2.74
C ILE A 117 6.49 -6.35 -2.42
N LEU A 118 7.67 -6.95 -2.58
CA LEU A 118 7.79 -8.36 -2.25
C LEU A 118 7.74 -8.60 -0.73
N THR A 119 8.26 -7.65 0.04
CA THR A 119 8.12 -7.72 1.50
C THR A 119 6.64 -7.61 1.91
N LEU A 120 5.94 -6.64 1.33
CA LEU A 120 4.52 -6.48 1.63
C LEU A 120 3.70 -7.70 1.20
N PHE A 121 3.96 -8.22 0.00
CA PHE A 121 3.25 -9.41 -0.46
C PHE A 121 3.56 -10.63 0.42
N GLY A 122 4.82 -10.77 0.84
CA GLY A 122 5.19 -11.86 1.75
C GLY A 122 4.38 -11.79 3.04
N PHE A 123 4.27 -10.60 3.63
CA PHE A 123 3.47 -10.44 4.85
C PHE A 123 1.99 -10.67 4.61
N LYS A 124 1.48 -10.30 3.43
CA LYS A 124 0.08 -10.58 3.10
C LYS A 124 -0.18 -12.09 3.11
N LEU A 125 0.75 -12.85 2.54
CA LEU A 125 0.64 -14.32 2.56
C LEU A 125 0.76 -14.92 3.96
N LEU A 126 1.63 -14.33 4.76
CA LEU A 126 1.87 -14.85 6.10
C LEU A 126 0.72 -14.57 7.06
N TYR A 127 0.14 -13.37 6.97
CA TYR A 127 -0.95 -12.95 7.84
C TYR A 127 -2.11 -12.42 7.01
N PRO A 128 -2.77 -13.30 6.25
CA PRO A 128 -3.74 -12.80 5.27
C PRO A 128 -4.92 -12.04 5.87
N ASP A 129 -5.27 -12.32 7.12
CA ASP A 129 -6.40 -11.64 7.76
C ASP A 129 -5.98 -10.47 8.64
N HIS A 130 -4.67 -10.21 8.70
CA HIS A 130 -4.12 -9.16 9.56
C HIS A 130 -3.14 -8.27 8.86
N PHE A 131 -3.00 -8.42 7.55
CA PHE A 131 -2.08 -7.60 6.79
C PHE A 131 -2.75 -7.26 5.49
N HIS A 132 -3.08 -5.99 5.33
CA HIS A 132 -3.97 -5.53 4.26
C HIS A 132 -3.28 -4.58 3.33
N LEU A 133 -3.49 -4.80 2.04
CA LEU A 133 -2.92 -3.97 0.98
C LEU A 133 -4.06 -3.43 0.14
N LEU A 134 -4.11 -2.11 -0.01
CA LEU A 134 -5.10 -1.44 -0.85
C LEU A 134 -4.39 -0.84 -2.05
N ARG A 135 -5.04 -0.86 -3.21
CA ARG A 135 -4.43 -0.34 -4.40
C ARG A 135 -4.28 1.17 -4.37
N GLY A 136 -3.14 1.65 -4.85
CA GLY A 136 -2.93 3.08 -5.10
C GLY A 136 -2.91 3.38 -6.58
N ASN A 137 -2.88 4.67 -6.92
CA ASN A 137 -2.79 5.03 -8.34
C ASN A 137 -1.50 4.54 -8.99
N HIS A 138 -0.47 4.32 -8.18
CA HIS A 138 0.78 3.77 -8.72
C HIS A 138 0.82 2.29 -8.93
N GLU A 139 -0.18 1.55 -8.45
CA GLU A 139 -0.22 0.11 -8.73
C GLU A 139 -0.97 -0.12 -10.05
N THR A 140 -0.47 0.54 -11.08
CA THR A 140 -1.08 0.52 -12.41
C THR A 140 -0.01 0.59 -13.48
N ASP A 141 -0.32 0.09 -14.66
CA ASP A 141 0.64 0.00 -15.75
C ASP A 141 1.17 1.36 -16.20
N ASN A 142 0.26 2.32 -16.42
CA ASN A 142 0.69 3.60 -16.96
C ASN A 142 1.65 4.31 -16.04
N MET A 143 1.39 4.22 -14.74
CA MET A 143 2.26 4.86 -13.78
C MET A 143 3.59 4.10 -13.66
N ASN A 144 3.53 2.78 -13.60
CA ASN A 144 4.76 1.97 -13.51
C ASN A 144 5.66 2.17 -14.72
N GLN A 145 5.07 2.39 -15.90
CA GLN A 145 5.82 2.55 -17.12
C GLN A 145 6.75 3.75 -17.03
N ILE A 146 6.29 4.82 -16.38
CA ILE A 146 6.98 6.12 -16.37
C ILE A 146 7.80 6.34 -15.09
N TYR A 147 7.30 5.85 -13.96
CA TYR A 147 7.78 6.33 -12.67
C TYR A 147 8.71 5.39 -11.90
N GLY A 148 9.18 4.33 -12.57
CA GLY A 148 10.29 3.55 -12.02
C GLY A 148 10.06 2.06 -11.88
N PHE A 149 8.85 1.65 -11.52
CA PHE A 149 8.67 0.24 -11.15
C PHE A 149 8.85 -0.71 -12.33
N GLU A 150 8.29 -0.38 -13.48
CA GLU A 150 8.51 -1.24 -14.64
C GLU A 150 10.01 -1.36 -14.97
N GLY A 151 10.70 -0.23 -14.97
CA GLY A 151 12.14 -0.26 -15.22
C GLY A 151 12.89 -1.08 -14.18
N GLU A 152 12.48 -0.95 -12.92
CA GLU A 152 13.16 -1.64 -11.83
C GLU A 152 12.96 -3.14 -11.92
N VAL A 153 11.73 -3.58 -12.21
CA VAL A 153 11.46 -5.01 -12.35
C VAL A 153 12.20 -5.59 -13.55
N LYS A 154 12.20 -4.87 -14.67
CA LYS A 154 12.92 -5.33 -15.84
C LYS A 154 14.43 -5.39 -15.61
N ALA A 155 14.95 -4.49 -14.78
CA ALA A 155 16.38 -4.49 -14.46
C ALA A 155 16.75 -5.63 -13.51
N LYS A 156 15.90 -5.90 -12.54
CA LYS A 156 16.20 -6.90 -11.52
C LYS A 156 15.83 -8.31 -11.95
N TYR A 157 14.74 -8.42 -12.72
CA TYR A 157 14.22 -9.68 -13.16
C TYR A 157 14.04 -9.63 -14.68
N THR A 158 12.79 -9.66 -15.16
CA THR A 158 12.49 -9.68 -16.59
C THR A 158 11.17 -8.97 -16.84
N ALA A 159 10.88 -8.74 -18.12
CA ALA A 159 9.56 -8.21 -18.52
C ALA A 159 8.42 -9.14 -18.12
N GLN A 160 8.65 -10.44 -18.17
CA GLN A 160 7.64 -11.42 -17.79
C GLN A 160 7.29 -11.29 -16.30
N MET A 161 8.29 -11.06 -15.45
CA MET A 161 8.01 -10.82 -14.04
C MET A 161 7.16 -9.56 -13.87
N TYR A 162 7.47 -8.52 -14.64
CA TYR A 162 6.66 -7.29 -14.57
C TYR A 162 5.20 -7.55 -15.00
N GLU A 163 4.99 -8.29 -16.07
CA GLU A 163 3.64 -8.64 -16.50
C GLU A 163 2.87 -9.29 -15.35
N LEU A 164 3.53 -10.18 -14.62
CA LEU A 164 2.91 -10.84 -13.50
C LEU A 164 2.57 -9.84 -12.37
N PHE A 165 3.50 -8.95 -12.04
CA PHE A 165 3.19 -7.88 -11.07
C PHE A 165 1.93 -7.11 -11.48
N SER A 166 1.83 -6.74 -12.75
CA SER A 166 0.69 -5.97 -13.25
C SER A 166 -0.61 -6.72 -13.00
N GLU A 167 -0.60 -8.02 -13.27
CA GLU A 167 -1.76 -8.87 -13.06
C GLU A 167 -2.15 -8.97 -11.59
N VAL A 168 -1.15 -9.05 -10.71
CA VAL A 168 -1.40 -9.13 -9.27
C VAL A 168 -2.01 -7.82 -8.76
N PHE A 169 -1.45 -6.69 -9.18
CA PHE A 169 -1.93 -5.37 -8.76
C PHE A 169 -3.42 -5.20 -9.12
N GLU A 170 -3.84 -5.76 -10.25
CA GLU A 170 -5.25 -5.66 -10.66
C GLU A 170 -6.22 -6.27 -9.66
N TRP A 171 -5.75 -7.19 -8.82
CA TRP A 171 -6.60 -7.79 -7.81
C TRP A 171 -6.56 -7.13 -6.45
N LEU A 172 -5.70 -6.12 -6.28
CA LEU A 172 -5.69 -5.40 -5.02
C LEU A 172 -7.05 -4.75 -4.76
N PRO A 173 -7.61 -4.89 -3.55
CA PRO A 173 -8.88 -4.22 -3.27
CA PRO A 173 -8.86 -4.21 -3.24
C PRO A 173 -8.70 -2.69 -3.31
N LEU A 174 -9.82 -2.00 -3.48
CA LEU A 174 -9.82 -0.55 -3.65
C LEU A 174 -10.13 0.24 -2.38
N ALA A 175 -10.72 -0.40 -1.37
CA ALA A 175 -11.05 0.31 -0.14
C ALA A 175 -11.23 -0.69 0.97
N GLN A 176 -11.18 -0.20 2.20
CA GLN A 176 -11.37 -1.05 3.37
C GLN A 176 -12.22 -0.29 4.38
N CYS A 177 -13.19 -0.98 4.98
CA CYS A 177 -14.04 -0.36 5.99
C CYS A 177 -13.89 -1.11 7.30
N ILE A 178 -13.54 -0.36 8.35
CA ILE A 178 -13.34 -0.92 9.68
CA ILE A 178 -13.36 -0.94 9.67
C ILE A 178 -14.57 -0.65 10.54
N ASN A 179 -15.19 -1.72 11.02
CA ASN A 179 -16.33 -1.67 11.97
C ASN A 179 -17.50 -0.87 11.45
N GLY A 180 -17.65 -0.81 10.13
CA GLY A 180 -18.72 -0.03 9.52
C GLY A 180 -18.61 1.46 9.78
N LYS A 181 -17.43 1.94 10.18
CA LYS A 181 -17.29 3.33 10.64
C LYS A 181 -16.16 4.15 10.02
N VAL A 182 -15.06 3.49 9.66
CA VAL A 182 -13.91 4.19 9.06
C VAL A 182 -13.70 3.59 7.68
N LEU A 183 -13.68 4.44 6.66
CA LEU A 183 -13.42 3.98 5.30
C LEU A 183 -12.05 4.48 4.87
N ILE A 184 -11.27 3.55 4.31
CA ILE A 184 -9.89 3.81 3.90
C ILE A 184 -9.77 3.54 2.40
N MET A 185 -9.21 4.51 1.68
CA MET A 185 -8.91 4.34 0.26
C MET A 185 -7.70 5.19 -0.06
N HIS A 186 -7.03 4.90 -1.17
CA HIS A 186 -5.81 5.61 -1.45
C HIS A 186 -6.01 7.08 -1.75
N GLY A 187 -6.90 7.34 -2.72
CA GLY A 187 -7.15 8.69 -3.23
C GLY A 187 -8.22 9.41 -2.46
N GLY A 188 -9.49 9.10 -2.73
CA GLY A 188 -10.54 9.79 -2.01
C GLY A 188 -11.91 9.42 -2.49
N LEU A 189 -12.81 10.39 -2.37
CA LEU A 189 -14.22 10.22 -2.64
C LEU A 189 -14.57 10.60 -4.08
N PHE A 190 -15.86 10.76 -4.36
CA PHE A 190 -16.39 10.58 -5.70
C PHE A 190 -16.79 11.87 -6.39
N SER A 191 -16.74 11.83 -7.73
CA SER A 191 -17.06 12.96 -8.58
C SER A 191 -18.57 13.24 -8.69
N GLU A 192 -19.38 12.43 -8.04
CA GLU A 192 -20.80 12.70 -7.96
C GLU A 192 -21.33 12.21 -6.62
N ASP A 193 -22.43 12.80 -6.19
CA ASP A 193 -23.05 12.45 -4.92
C ASP A 193 -23.80 11.13 -5.01
N GLY A 194 -24.06 10.56 -3.84
CA GLY A 194 -24.94 9.40 -3.71
C GLY A 194 -24.28 8.05 -3.84
N VAL A 195 -22.95 8.01 -3.94
CA VAL A 195 -22.23 6.73 -4.02
C VAL A 195 -22.26 6.07 -2.65
N THR A 196 -22.50 4.77 -2.63
CA THR A 196 -22.55 4.04 -1.37
C THR A 196 -21.57 2.87 -1.38
N LEU A 197 -21.43 2.22 -0.22
CA LEU A 197 -20.57 1.05 -0.11
C LEU A 197 -20.94 -0.02 -1.14
N ASP A 198 -22.24 -0.17 -1.40
CA ASP A 198 -22.73 -1.07 -2.45
C ASP A 198 -22.00 -0.84 -3.78
N ASP A 199 -21.87 0.42 -4.17
CA ASP A 199 -21.21 0.76 -5.43
C ASP A 199 -19.74 0.34 -5.43
N ILE A 200 -19.08 0.48 -4.28
CA ILE A 200 -17.68 0.06 -4.19
C ILE A 200 -17.56 -1.46 -4.33
N ARG A 201 -18.42 -2.20 -3.61
CA ARG A 201 -18.42 -3.66 -3.73
C ARG A 201 -18.64 -4.12 -5.17
N LYS A 202 -19.46 -3.37 -5.91
CA LYS A 202 -19.80 -3.73 -7.29
C LYS A 202 -18.72 -3.45 -8.32
N ILE A 203 -17.67 -2.72 -7.96
CA ILE A 203 -16.63 -2.43 -8.93
C ILE A 203 -15.89 -3.71 -9.31
N GLU A 204 -15.89 -4.01 -10.62
CA GLU A 204 -15.10 -5.11 -11.16
C GLU A 204 -13.70 -4.57 -11.34
N ARG A 205 -12.84 -4.84 -10.36
CA ARG A 205 -11.60 -4.09 -10.21
C ARG A 205 -10.41 -4.66 -10.96
N ASN A 206 -10.55 -5.88 -11.51
CA ASN A 206 -9.41 -6.58 -12.11
C ASN A 206 -9.12 -6.07 -13.50
N ARG A 207 -8.55 -4.88 -13.53
CA ARG A 207 -8.36 -4.10 -14.74
C ARG A 207 -7.49 -2.91 -14.40
N GLN A 208 -7.07 -2.18 -15.41
CA GLN A 208 -6.49 -0.86 -15.21
C GLN A 208 -7.63 0.12 -14.99
N PRO A 209 -7.43 1.14 -14.15
CA PRO A 209 -8.58 2.02 -13.85
C PRO A 209 -9.11 2.74 -15.08
N PRO A 210 -10.42 3.01 -15.10
CA PRO A 210 -10.99 3.81 -16.19
C PRO A 210 -10.54 5.24 -16.07
N ASP A 211 -10.73 6.01 -17.14
CA ASP A 211 -10.33 7.42 -17.13
C ASP A 211 -11.21 8.30 -16.25
N SER A 212 -12.41 7.81 -15.95
CA SER A 212 -13.32 8.46 -15.00
C SER A 212 -14.25 7.41 -14.44
N GLY A 213 -14.83 7.69 -13.29
CA GLY A 213 -15.75 6.78 -12.65
C GLY A 213 -15.28 6.41 -11.25
N PRO A 214 -16.09 5.62 -10.53
CA PRO A 214 -15.77 5.36 -9.12
C PRO A 214 -14.39 4.74 -8.89
N MET A 215 -13.96 3.80 -9.73
CA MET A 215 -12.64 3.20 -9.57
C MET A 215 -11.52 4.22 -9.72
N CYS A 216 -11.69 5.13 -10.69
CA CYS A 216 -10.75 6.21 -10.88
C CYS A 216 -10.68 7.12 -9.64
N ASP A 217 -11.85 7.55 -9.15
CA ASP A 217 -11.90 8.47 -8.00
C ASP A 217 -11.24 7.87 -6.77
N LEU A 218 -11.53 6.60 -6.49
CA LEU A 218 -10.95 5.95 -5.31
C LEU A 218 -9.43 6.02 -5.31
N LEU A 219 -8.83 5.93 -6.49
CA LEU A 219 -7.37 5.93 -6.63
C LEU A 219 -6.75 7.31 -6.80
N TRP A 220 -7.55 8.29 -7.22
CA TRP A 220 -7.01 9.55 -7.74
C TRP A 220 -7.49 10.85 -7.12
N SER A 221 -8.65 10.90 -6.46
CA SER A 221 -9.19 12.19 -6.04
C SER A 221 -8.44 12.78 -4.84
N ASP A 222 -8.61 14.08 -4.63
CA ASP A 222 -8.02 14.80 -3.48
C ASP A 222 -9.06 15.66 -2.81
N PRO A 223 -8.96 15.82 -1.49
CA PRO A 223 -9.83 16.80 -0.82
C PRO A 223 -9.43 18.23 -1.17
N GLN A 224 -10.42 19.13 -1.16
CA GLN A 224 -10.18 20.58 -1.23
C GLN A 224 -10.88 21.19 0.00
N PRO A 225 -10.44 22.39 0.44
N PRO A 225 -10.41 22.36 0.49
CA PRO A 225 -11.00 22.95 1.67
CA PRO A 225 -11.00 22.98 1.69
C PRO A 225 -12.38 23.58 1.49
C PRO A 225 -12.40 23.57 1.50
N GLN A 226 -12.71 24.01 0.28
CA GLN A 226 -14.00 24.67 0.03
CA GLN A 226 -13.98 24.67 -0.01
C GLN A 226 -15.05 23.66 -0.42
N ASN A 227 -16.32 23.99 -0.15
CA ASN A 227 -17.42 23.12 -0.53
C ASN A 227 -17.49 22.88 -2.04
N GLY A 228 -18.07 21.75 -2.41
CA GLY A 228 -18.27 21.42 -3.80
C GLY A 228 -17.15 20.58 -4.35
N ARG A 229 -16.96 20.65 -5.66
CA ARG A 229 -15.93 19.89 -6.34
C ARG A 229 -15.26 20.75 -7.38
N SER A 230 -14.03 20.39 -7.72
CA SER A 230 -13.32 21.01 -8.82
C SER A 230 -12.72 19.91 -9.66
N ILE A 231 -12.48 20.18 -10.95
CA ILE A 231 -11.65 19.32 -11.79
CA ILE A 231 -11.70 19.24 -11.71
C ILE A 231 -10.29 19.23 -11.11
N SER A 232 -9.72 18.03 -11.03
CA SER A 232 -8.45 17.87 -10.33
C SER A 232 -7.31 18.64 -10.99
N LYS A 233 -6.43 19.18 -10.17
CA LYS A 233 -5.18 19.80 -10.63
C LYS A 233 -4.30 18.78 -11.37
N ARG A 234 -4.56 17.49 -11.13
CA ARG A 234 -3.81 16.40 -11.75
C ARG A 234 -4.31 16.07 -13.16
N GLY A 235 -5.49 16.56 -13.51
CA GLY A 235 -6.10 16.25 -14.80
C GLY A 235 -6.83 14.92 -14.83
N VAL A 236 -6.96 14.30 -13.65
CA VAL A 236 -7.63 13.01 -13.47
C VAL A 236 -8.53 13.14 -12.24
N SER A 237 -9.80 12.72 -12.35
CA SER A 237 -10.72 12.74 -11.19
C SER A 237 -10.98 14.18 -10.71
N CYS A 238 -11.36 14.33 -9.44
CA CYS A 238 -11.81 15.62 -8.92
C CYS A 238 -11.13 15.96 -7.60
N GLN A 239 -11.29 17.20 -7.19
CA GLN A 239 -11.13 17.60 -5.80
C GLN A 239 -12.52 17.66 -5.17
N PHE A 240 -12.64 17.20 -3.94
CA PHE A 240 -13.92 17.15 -3.25
C PHE A 240 -13.86 17.91 -1.94
N GLY A 241 -14.89 18.70 -1.67
CA GLY A 241 -14.93 19.54 -0.49
C GLY A 241 -15.57 18.87 0.72
N PRO A 242 -15.60 19.59 1.86
CA PRO A 242 -16.10 18.99 3.09
C PRO A 242 -17.56 18.56 3.00
N ASP A 243 -18.37 19.27 2.23
CA ASP A 243 -19.77 18.88 2.07
C ASP A 243 -19.92 17.55 1.34
N VAL A 244 -19.03 17.28 0.38
CA VAL A 244 -19.02 16.01 -0.32
C VAL A 244 -18.68 14.90 0.68
N THR A 245 -17.63 15.10 1.47
CA THR A 245 -17.24 14.11 2.46
C THR A 245 -18.38 13.85 3.44
N LYS A 246 -18.92 14.92 4.00
CA LYS A 246 -19.96 14.79 5.01
C LYS A 246 -21.21 14.09 4.49
N ALA A 247 -21.64 14.44 3.28
CA ALA A 247 -22.82 13.80 2.68
C ALA A 247 -22.58 12.29 2.48
N PHE A 248 -21.38 11.95 2.01
CA PHE A 248 -21.01 10.56 1.80
C PHE A 248 -20.99 9.81 3.13
N LEU A 249 -20.34 10.38 4.14
CA LEU A 249 -20.27 9.73 5.44
C LEU A 249 -21.64 9.52 6.02
N GLU A 250 -22.48 10.55 5.96
CA GLU A 250 -23.81 10.46 6.53
C GLU A 250 -24.64 9.38 5.84
N GLU A 251 -24.62 9.34 4.52
CA GLU A 251 -25.44 8.35 3.82
C GLU A 251 -24.99 6.93 4.11
N ASN A 252 -23.68 6.77 4.35
CA ASN A 252 -23.08 5.45 4.55
C ASN A 252 -22.86 5.06 5.99
N ASN A 253 -23.37 5.89 6.90
CA ASN A 253 -23.24 5.64 8.35
C ASN A 253 -21.79 5.53 8.82
N LEU A 254 -20.93 6.34 8.23
CA LEU A 254 -19.50 6.33 8.55
C LEU A 254 -19.10 7.56 9.37
N ASP A 255 -18.01 7.45 10.11
CA ASP A 255 -17.49 8.55 10.91
C ASP A 255 -16.47 9.43 10.16
N TYR A 256 -15.51 8.81 9.46
CA TYR A 256 -14.52 9.57 8.72
C TYR A 256 -13.81 8.68 7.70
N ILE A 257 -13.02 9.30 6.83
CA ILE A 257 -12.18 8.58 5.89
C ILE A 257 -10.72 8.81 6.22
N ILE A 258 -9.93 7.77 5.93
CA ILE A 258 -8.47 7.85 5.93
C ILE A 258 -8.05 7.62 4.48
N ARG A 259 -7.24 8.54 3.97
CA ARG A 259 -6.71 8.42 2.62
C ARG A 259 -5.24 8.84 2.64
N SER A 260 -4.58 8.74 1.51
CA SER A 260 -3.15 9.02 1.42
C SER A 260 -2.90 9.93 0.22
N HIS A 261 -1.97 9.60 -0.68
CA HIS A 261 -1.94 10.19 -2.04
C HIS A 261 -1.43 11.63 -2.14
N GLU A 262 -1.16 12.28 -1.00
CA GLU A 262 -0.55 13.62 -1.00
C GLU A 262 0.48 13.68 0.10
N VAL A 263 1.59 14.34 -0.19
CA VAL A 263 2.64 14.52 0.81
C VAL A 263 2.24 15.66 1.75
N LYS A 264 2.55 15.49 3.02
CA LYS A 264 2.33 16.51 4.04
C LYS A 264 3.63 16.63 4.83
N ALA A 265 4.07 17.87 5.09
CA ALA A 265 5.32 18.10 5.82
C ALA A 265 5.35 17.38 7.17
N GLU A 266 4.20 17.33 7.84
CA GLU A 266 4.10 16.70 9.15
C GLU A 266 3.77 15.20 9.04
N GLY A 267 3.60 14.69 7.82
CA GLY A 267 3.30 13.27 7.64
C GLY A 267 1.82 12.94 7.64
N TYR A 268 0.98 13.90 8.01
CA TYR A 268 -0.46 13.69 8.03
C TYR A 268 -1.16 15.04 7.96
N GLU A 269 -2.46 15.01 7.69
CA GLU A 269 -3.30 16.20 7.80
C GLU A 269 -4.68 15.77 8.24
N VAL A 270 -5.28 16.53 9.14
CA VAL A 270 -6.67 16.33 9.51
C VAL A 270 -7.45 17.47 8.86
N ALA A 271 -8.35 17.13 7.94
CA ALA A 271 -9.09 18.10 7.15
C ALA A 271 -10.59 17.84 7.22
N HIS A 272 -11.36 18.73 6.60
CA HIS A 272 -12.83 18.60 6.55
C HIS A 272 -13.41 18.44 7.93
N GLY A 273 -12.90 19.22 8.88
CA GLY A 273 -13.44 19.20 10.23
C GLY A 273 -13.20 17.91 10.99
N GLY A 274 -12.19 17.15 10.57
CA GLY A 274 -11.94 15.85 11.17
C GLY A 274 -12.44 14.69 10.32
N ARG A 275 -13.18 14.99 9.27
CA ARG A 275 -13.81 13.95 8.46
C ARG A 275 -12.91 13.34 7.38
N CYS A 276 -11.82 14.01 7.03
CA CYS A 276 -10.92 13.50 5.99
C CYS A 276 -9.48 13.62 6.46
N VAL A 277 -8.89 12.46 6.73
CA VAL A 277 -7.53 12.38 7.24
C VAL A 277 -6.61 11.90 6.14
N THR A 278 -5.48 12.56 5.96
CA THR A 278 -4.42 12.09 5.05
C THR A 278 -3.27 11.52 5.88
N VAL A 279 -2.81 10.32 5.51
CA VAL A 279 -1.61 9.73 6.11
C VAL A 279 -0.62 9.42 4.98
N PHE A 280 0.63 9.79 5.18
CA PHE A 280 1.67 9.63 4.17
C PHE A 280 2.90 9.04 4.84
N SER A 281 3.38 7.89 4.34
CA SER A 281 4.39 7.12 5.07
C SER A 281 5.77 7.03 4.41
N ALA A 282 6.09 8.01 3.57
CA ALA A 282 7.37 8.05 2.86
C ALA A 282 8.12 9.30 3.31
N PRO A 283 8.93 9.20 4.38
CA PRO A 283 9.61 10.37 4.89
C PRO A 283 10.71 10.83 3.94
N ASN A 284 11.01 12.13 3.97
CA ASN A 284 11.98 12.72 3.05
C ASN A 284 11.81 12.16 1.66
N TYR A 285 10.60 12.32 1.14
CA TYR A 285 10.18 11.71 -0.10
C TYR A 285 11.15 12.06 -1.24
N CYS A 286 11.55 11.03 -1.97
CA CYS A 286 12.50 11.17 -3.09
C CYS A 286 13.81 11.84 -2.68
N ASP A 287 14.19 11.64 -1.42
CA ASP A 287 15.44 12.18 -0.85
C ASP A 287 15.51 13.70 -0.88
N GLN A 288 14.39 14.39 -1.12
CA GLN A 288 14.42 15.84 -1.35
C GLN A 288 13.36 16.67 -0.62
N MET A 289 12.21 16.05 -0.33
CA MET A 289 11.04 16.76 0.20
CA MET A 289 11.08 16.82 0.18
C MET A 289 11.22 17.25 1.63
N GLY A 290 12.04 16.53 2.41
CA GLY A 290 12.29 16.89 3.80
C GLY A 290 11.13 16.67 4.77
N ASN A 291 10.07 16.02 4.30
CA ASN A 291 8.87 15.81 5.11
C ASN A 291 9.06 14.73 6.16
N LYS A 292 8.35 14.89 7.27
CA LYS A 292 8.11 13.78 8.16
C LYS A 292 7.09 12.84 7.51
N ALA A 293 7.06 11.60 7.99
CA ALA A 293 6.03 10.65 7.63
C ALA A 293 5.24 10.32 8.87
N SER A 294 4.12 9.65 8.71
CA SER A 294 3.38 9.16 9.86
C SER A 294 2.71 7.83 9.56
N TYR A 295 2.29 7.17 10.63
CA TYR A 295 1.32 6.09 10.55
C TYR A 295 0.26 6.32 11.62
N ILE A 296 -0.90 5.71 11.43
CA ILE A 296 -2.04 5.88 12.32
C ILE A 296 -2.27 4.64 13.17
N HIS A 297 -2.54 4.81 14.46
CA HIS A 297 -3.11 3.74 15.30
C HIS A 297 -4.59 3.94 15.52
N LEU A 298 -5.34 2.83 15.43
CA LEU A 298 -6.78 2.76 15.72
C LEU A 298 -7.08 1.56 16.61
N GLN A 299 -8.24 1.58 17.28
CA GLN A 299 -8.67 0.50 18.18
C GLN A 299 -10.16 0.21 18.00
N GLY A 300 -10.59 -1.04 18.15
CA GLY A 300 -12.01 -1.40 17.99
C GLY A 300 -12.95 -0.53 18.81
N SER A 301 -12.58 -0.29 20.06
CA SER A 301 -13.40 0.48 21.00
C SER A 301 -13.22 1.99 20.87
N ASP A 302 -12.27 2.42 20.06
CA ASP A 302 -11.95 3.82 19.88
C ASP A 302 -11.26 3.98 18.54
N LEU A 303 -12.07 4.29 17.53
CA LEU A 303 -11.57 4.37 16.17
C LEU A 303 -11.02 5.74 15.81
N ARG A 304 -10.74 6.58 16.80
CA ARG A 304 -10.09 7.86 16.52
C ARG A 304 -8.66 7.64 16.06
N PRO A 305 -8.20 8.44 15.10
CA PRO A 305 -6.85 8.23 14.60
C PRO A 305 -5.82 8.85 15.53
N GLN A 306 -4.83 8.06 15.90
CA GLN A 306 -3.71 8.58 16.68
C GLN A 306 -2.47 8.50 15.82
N PHE A 307 -1.80 9.63 15.64
CA PHE A 307 -0.70 9.75 14.71
C PHE A 307 0.65 9.55 15.37
N HIS A 308 1.53 8.85 14.66
CA HIS A 308 2.92 8.68 15.07
C HIS A 308 3.81 9.13 13.97
N GLN A 309 4.58 10.17 14.21
CA GLN A 309 5.45 10.75 13.20
C GLN A 309 6.82 10.11 13.24
N PHE A 310 7.47 10.03 12.08
CA PHE A 310 8.82 9.52 12.01
C PHE A 310 9.58 10.17 10.87
N THR A 311 10.90 10.06 10.93
CA THR A 311 11.77 10.67 9.95
C THR A 311 12.55 9.61 9.19
N ALA A 312 13.15 10.02 8.09
CA ALA A 312 13.89 9.12 7.21
C ALA A 312 15.13 8.52 7.88
N VAL A 313 15.48 7.32 7.42
CA VAL A 313 16.72 6.65 7.82
C VAL A 313 17.63 6.50 6.61
N PRO A 314 18.93 6.25 6.84
CA PRO A 314 19.86 6.06 5.73
C PRO A 314 19.49 4.88 4.82
N HIS A 315 19.83 5.01 3.55
CA HIS A 315 19.71 3.94 2.58
C HIS A 315 20.90 3.92 1.66
N PRO A 316 21.08 2.84 0.87
CA PRO A 316 22.20 2.78 -0.07
C PRO A 316 22.12 3.86 -1.13
N ASN A 317 23.26 4.11 -1.78
CA ASN A 317 23.37 5.17 -2.76
C ASN A 317 22.82 4.77 -4.13
N VAL A 318 21.50 4.66 -4.22
CA VAL A 318 20.77 4.54 -5.47
C VAL A 318 19.83 5.73 -5.50
N LYS A 319 19.83 6.49 -6.59
CA LYS A 319 19.03 7.72 -6.67
C LYS A 319 17.55 7.40 -6.83
N PRO A 320 16.65 8.27 -6.30
CA PRO A 320 15.25 8.08 -6.60
C PRO A 320 15.05 8.20 -8.10
N MET A 321 14.07 7.46 -8.63
CA MET A 321 13.73 7.54 -10.05
CA MET A 321 13.71 7.45 -10.04
C MET A 321 14.84 7.03 -10.97
N ALA A 322 15.83 6.34 -10.40
CA ALA A 322 16.94 5.78 -11.19
C ALA A 322 16.45 4.90 -12.34
N TYR A 323 15.31 4.22 -12.13
CA TYR A 323 14.75 3.32 -13.13
C TYR A 323 13.64 3.93 -13.97
N ALA A 324 13.30 5.19 -13.70
CA ALA A 324 12.18 5.85 -14.37
C ALA A 324 12.54 6.30 -15.78
N ASN A 325 11.55 6.80 -16.50
CA ASN A 325 11.74 7.36 -17.84
C ASN A 325 12.73 8.53 -17.83
#